data_6AT2
#
_entry.id   6AT2
#
_cell.length_a   125.171
_cell.length_b   94.360
_cell.length_c   46.559
_cell.angle_alpha   90.00
_cell.angle_beta   96.40
_cell.angle_gamma   90.00
#
_symmetry.space_group_name_H-M   'C 1 2 1'
#
loop_
_entity.id
_entity.type
_entity.pdbx_description
1 polymer 'Phosphoenolpyruvate carboxykinase (ATP)'
2 non-polymer "ADENOSINE-5'-TRIPHOSPHATE"
3 non-polymer 'MANGANESE (II) ION'
4 non-polymer 'MAGNESIUM ION'
5 non-polymer 2-AMINO-2-HYDROXYMETHYL-PROPANE-1,3-DIOL
6 non-polymer THIOSULFATE
7 water water
#
_entity_poly.entity_id   1
_entity_poly.type   'polypeptide(L)'
_entity_poly.pdbx_seq_one_letter_code
;MRVNNGLTPQELEAYGISDVHDIVYNPSYDLLYQEELDPSLTGYERGVLTNLGAVAVDTGIFTGRSPKDKYIVRDDTTRD
TFWWADKGKGKNDNKPLSPETWQHLKGLVTRQLSGKRLFVVDAFCGANPDTRLSVRFITEVAWQAHFVKNMFIRPSDEEL
AGFKPDFIVMNGAKCTNPQWKEQGLNSENFVAFNLTERMQLIGGTWYGNEMKKGMFSMMNYLLPLKGIASMHCSANVGEK
GDVAVFFGLSGTGKTTLSTDPKRRLIGDDEHGWDDDGVFNFEGGCYAKTIKLSKEAEPEIYNAIRRDALLENVTVREDGT
IDFDDGSKTENTRVSYPIYHIDNIVKPVSKAGHATKVIFLTADAFGVLPPVSRLTADQTQYHFLSGFTAKLAGTERGITE
PTPTFSACFGAAFLSLHPTQYAEVLVKRMQAAGAQAYLVNTGWNGTGKRISIKDTRAIIDAILNGSLDNAETFTLPMFNL
AIPTELPGVDTKILDPRNTYASPEQWQEKAETLAKLFIDNFDKYTDTPAGAALVAAGPKLHHHHHH
;
_entity_poly.pdbx_strand_id   A
#
loop_
_chem_comp.id
_chem_comp.type
_chem_comp.name
_chem_comp.formula
ATP non-polymer ADENOSINE-5'-TRIPHOSPHATE 'C10 H16 N5 O13 P3'
MG non-polymer 'MAGNESIUM ION' 'Mg 2'
MN non-polymer 'MANGANESE (II) ION' 'Mn 2'
THJ non-polymer THIOSULFATE 'O3 S2 -2'
TRS non-polymer 2-AMINO-2-HYDROXYMETHYL-PROPANE-1,3-DIOL 'C4 H12 N O3 1'
#
# COMPACT_ATOMS: atom_id res chain seq x y z
N GLY A 6 -11.20 25.53 -13.91
CA GLY A 6 -11.07 25.15 -12.52
C GLY A 6 -10.28 26.14 -11.67
N LEU A 7 -9.21 26.70 -12.22
CA LEU A 7 -8.45 27.70 -11.50
C LEU A 7 -7.67 28.57 -12.47
N THR A 8 -7.34 29.75 -12.01
CA THR A 8 -6.70 30.75 -12.84
C THR A 8 -5.23 30.85 -12.48
N PRO A 9 -4.41 31.44 -13.35
CA PRO A 9 -3.02 31.70 -12.97
C PRO A 9 -2.90 32.49 -11.67
N GLN A 10 -3.90 33.31 -11.36
CA GLN A 10 -3.88 34.07 -10.12
C GLN A 10 -4.08 33.16 -8.90
N GLU A 11 -4.91 32.12 -9.02
CA GLU A 11 -5.05 31.19 -7.91
C GLU A 11 -3.75 30.41 -7.67
N LEU A 12 -3.07 30.03 -8.74
CA LEU A 12 -1.80 29.32 -8.58
C LEU A 12 -0.77 30.21 -7.89
N GLU A 13 -0.78 31.51 -8.21
CA GLU A 13 0.13 32.45 -7.56
C GLU A 13 -0.09 32.48 -6.05
N ALA A 14 -1.32 32.25 -5.59
CA ALA A 14 -1.60 32.15 -4.17
C ALA A 14 -0.84 30.99 -3.51
N TYR A 15 -0.62 29.91 -4.26
CA TYR A 15 0.19 28.80 -3.78
C TYR A 15 1.68 29.09 -3.86
N GLY A 16 2.07 30.18 -4.51
CA GLY A 16 3.47 30.52 -4.72
C GLY A 16 3.98 30.24 -6.12
N ILE A 17 3.13 29.80 -7.05
CA ILE A 17 3.57 29.39 -8.37
C ILE A 17 3.26 30.53 -9.35
N SER A 18 4.31 31.08 -9.96
CA SER A 18 4.18 32.30 -10.77
C SER A 18 4.27 31.99 -12.26
N ASP A 19 3.72 32.89 -13.06
CA ASP A 19 3.97 32.97 -14.49
C ASP A 19 3.64 31.68 -15.23
N VAL A 20 2.57 31.02 -14.83
CA VAL A 20 2.11 29.83 -15.53
C VAL A 20 1.33 30.31 -16.77
N HIS A 21 1.82 29.95 -17.95
CA HIS A 21 1.13 30.36 -19.15
CA HIS A 21 1.23 30.31 -19.23
C HIS A 21 0.12 29.33 -19.64
N ASP A 22 0.34 28.05 -19.40
CA ASP A 22 -0.55 27.01 -19.90
C ASP A 22 -0.97 26.16 -18.71
N ILE A 23 -2.27 26.08 -18.49
CA ILE A 23 -2.85 25.33 -17.39
C ILE A 23 -3.75 24.27 -17.99
N VAL A 24 -3.49 23.02 -17.66
CA VAL A 24 -4.35 21.91 -18.07
C VAL A 24 -5.07 21.42 -16.83
N TYR A 25 -6.31 21.87 -16.65
CA TYR A 25 -7.11 21.50 -15.50
C TYR A 25 -7.96 20.26 -15.81
N ASN A 26 -7.95 19.31 -14.90
CA ASN A 26 -8.72 18.08 -15.05
C ASN A 26 -8.48 17.41 -16.41
N PRO A 27 -7.24 17.08 -16.74
CA PRO A 27 -6.95 16.49 -18.05
C PRO A 27 -7.77 15.22 -18.25
N SER A 28 -8.30 15.05 -19.46
CA SER A 28 -9.01 13.83 -19.80
C SER A 28 -8.03 12.69 -20.04
N TYR A 29 -8.56 11.47 -19.98
CA TYR A 29 -7.74 10.31 -20.35
C TYR A 29 -7.23 10.43 -21.77
N ASP A 30 -8.04 10.93 -22.71
CA ASP A 30 -7.56 11.06 -24.08
C ASP A 30 -6.41 12.03 -24.17
N LEU A 31 -6.49 13.15 -23.45
CA LEU A 31 -5.39 14.11 -23.50
C LEU A 31 -4.12 13.52 -22.87
N LEU A 32 -4.26 12.81 -21.75
CA LEU A 32 -3.08 12.23 -21.13
C LEU A 32 -2.38 11.22 -22.04
N TYR A 33 -3.15 10.41 -22.76
CA TYR A 33 -2.60 9.47 -23.72
C TYR A 33 -1.76 10.17 -24.78
N GLN A 34 -2.31 11.22 -25.38
CA GLN A 34 -1.55 11.91 -26.42
C GLN A 34 -0.37 12.68 -25.84
N GLU A 35 -0.51 13.22 -24.61
CA GLU A 35 0.63 13.87 -23.96
C GLU A 35 1.77 12.89 -23.75
N GLU A 36 1.46 11.67 -23.31
CA GLU A 36 2.51 10.71 -22.98
C GLU A 36 3.21 10.18 -24.22
N LEU A 37 2.51 10.16 -25.35
CA LEU A 37 3.07 9.62 -26.57
C LEU A 37 3.61 10.71 -27.50
N ASP A 38 3.60 11.96 -27.06
CA ASP A 38 4.19 13.05 -27.86
C ASP A 38 5.62 12.68 -28.26
N PRO A 39 5.92 12.54 -29.56
CA PRO A 39 7.25 12.05 -29.96
C PRO A 39 8.37 13.03 -29.69
N SER A 40 8.09 14.24 -29.22
CA SER A 40 9.15 15.19 -28.93
C SER A 40 9.57 15.19 -27.47
N LEU A 41 8.93 14.37 -26.65
CA LEU A 41 9.31 14.29 -25.25
C LEU A 41 10.68 13.64 -25.13
N THR A 42 11.39 14.03 -24.08
CA THR A 42 12.71 13.50 -23.77
C THR A 42 12.74 12.92 -22.36
N GLY A 43 13.70 12.03 -22.15
CA GLY A 43 13.96 11.54 -20.81
C GLY A 43 12.78 10.80 -20.22
N TYR A 44 12.64 10.95 -18.90
CA TYR A 44 11.68 10.12 -18.18
C TYR A 44 10.22 10.55 -18.34
N GLU A 45 9.95 11.67 -19.01
CA GLU A 45 8.55 11.98 -19.33
C GLU A 45 7.97 11.06 -20.41
N ARG A 46 8.81 10.42 -21.21
CA ARG A 46 8.33 9.73 -22.40
C ARG A 46 7.54 8.47 -22.06
N GLY A 47 6.42 8.29 -22.74
CA GLY A 47 5.73 7.02 -22.73
C GLY A 47 5.93 6.26 -24.03
N VAL A 48 5.70 4.95 -23.98
CA VAL A 48 5.69 4.10 -25.16
C VAL A 48 4.39 3.30 -25.16
N LEU A 49 3.82 3.09 -26.34
CA LEU A 49 2.57 2.36 -26.46
C LEU A 49 2.87 0.87 -26.55
N THR A 50 2.22 0.08 -25.69
CA THR A 50 2.37 -1.37 -25.75
C THR A 50 1.27 -2.00 -26.61
N ASN A 51 1.51 -3.24 -27.03
CA ASN A 51 0.53 -3.98 -27.84
C ASN A 51 -0.77 -4.25 -27.09
N LEU A 52 -0.76 -4.21 -25.76
CA LEU A 52 -1.99 -4.32 -24.99
C LEU A 52 -2.79 -3.02 -24.98
N GLY A 53 -2.26 -1.93 -25.55
CA GLY A 53 -2.98 -0.68 -25.63
C GLY A 53 -2.68 0.29 -24.52
N ALA A 54 -1.98 -0.15 -23.48
CA ALA A 54 -1.60 0.71 -22.39
C ALA A 54 -0.26 1.37 -22.67
N VAL A 55 -0.10 2.59 -22.14
CA VAL A 55 1.17 3.31 -22.19
C VAL A 55 2.06 2.82 -21.05
N ALA A 56 3.36 2.70 -21.35
CA ALA A 56 4.37 2.34 -20.36
C ALA A 56 5.37 3.49 -20.22
N VAL A 57 5.76 3.78 -18.98
CA VAL A 57 6.74 4.81 -18.68
C VAL A 57 7.80 4.23 -17.75
N ASP A 58 8.95 4.92 -17.72
CA ASP A 58 10.02 4.66 -16.78
CA ASP A 58 10.03 4.66 -16.79
C ASP A 58 10.01 5.77 -15.75
N THR A 59 10.01 5.41 -14.47
CA THR A 59 9.83 6.40 -13.43
C THR A 59 11.13 7.04 -12.98
N GLY A 60 12.25 6.73 -13.64
CA GLY A 60 13.49 7.41 -13.39
C GLY A 60 14.37 6.65 -12.43
N ILE A 61 15.19 7.39 -11.67
CA ILE A 61 16.11 6.77 -10.74
C ILE A 61 15.35 6.04 -9.63
N PHE A 62 14.21 6.58 -9.23
CA PHE A 62 13.41 5.96 -8.18
C PHE A 62 12.36 5.05 -8.79
N THR A 63 12.32 3.80 -8.32
CA THR A 63 11.36 2.79 -8.73
C THR A 63 10.60 2.26 -7.52
N GLY A 64 10.59 3.04 -6.46
CA GLY A 64 9.89 2.74 -5.22
C GLY A 64 9.94 4.01 -4.41
N ARG A 65 9.26 3.99 -3.27
CA ARG A 65 9.27 5.12 -2.36
C ARG A 65 10.67 5.30 -1.77
N SER A 66 10.91 6.50 -1.23
CA SER A 66 12.17 6.83 -0.57
C SER A 66 11.85 7.22 0.87
N PRO A 67 11.68 6.24 1.75
CA PRO A 67 11.33 6.58 3.13
C PRO A 67 12.40 7.37 3.85
N LYS A 68 13.67 7.21 3.48
CA LYS A 68 14.71 8.00 4.13
C LYS A 68 14.61 9.49 3.81
N ASP A 69 13.81 9.86 2.82
CA ASP A 69 13.63 11.26 2.45
C ASP A 69 12.28 11.83 2.92
N LYS A 70 11.54 11.10 3.77
CA LYS A 70 10.23 11.54 4.23
C LYS A 70 10.34 12.37 5.51
N TYR A 71 9.70 13.53 5.51
CA TYR A 71 9.73 14.48 6.61
C TYR A 71 8.35 15.07 6.86
N ILE A 72 8.07 15.32 8.14
CA ILE A 72 6.83 15.93 8.60
C ILE A 72 7.19 17.15 9.41
N VAL A 73 6.56 18.30 9.11
CA VAL A 73 6.84 19.51 9.86
C VAL A 73 6.34 19.34 11.30
N ARG A 74 7.22 19.65 12.25
CA ARG A 74 6.89 19.54 13.66
C ARG A 74 6.52 20.92 14.16
N ASP A 75 5.25 21.10 14.49
CA ASP A 75 4.71 22.38 14.89
C ASP A 75 3.64 22.11 15.94
N ASP A 76 2.92 23.15 16.36
CA ASP A 76 1.98 22.97 17.47
C ASP A 76 0.79 22.10 17.10
N THR A 77 0.57 21.86 15.82
CA THR A 77 -0.50 20.94 15.42
C THR A 77 -0.06 19.48 15.52
N THR A 78 1.19 19.18 15.14
CA THR A 78 1.67 17.81 15.06
C THR A 78 2.51 17.36 16.24
N ARG A 79 3.07 18.29 17.04
CA ARG A 79 4.08 17.89 18.03
C ARG A 79 3.60 16.79 18.96
N ASP A 80 2.43 16.94 19.55
CA ASP A 80 1.95 16.02 20.57
C ASP A 80 1.05 14.92 20.03
N THR A 81 0.79 14.89 18.73
CA THR A 81 -0.07 13.86 18.14
C THR A 81 0.64 12.89 17.21
N PHE A 82 1.64 13.35 16.46
CA PHE A 82 2.33 12.50 15.52
C PHE A 82 3.22 11.48 16.21
N TRP A 83 3.42 10.35 15.54
CA TRP A 83 4.38 9.31 15.93
C TRP A 83 5.72 9.70 15.33
N TRP A 84 6.59 10.32 16.12
CA TRP A 84 7.82 10.90 15.61
C TRP A 84 8.98 9.90 15.60
N ALA A 85 9.84 10.01 14.58
CA ALA A 85 10.94 9.07 14.40
C ALA A 85 11.98 9.20 15.52
N ASP A 86 12.10 10.38 16.11
CA ASP A 86 13.14 10.66 17.09
C ASP A 86 12.64 10.59 18.52
N LYS A 87 11.41 10.16 18.74
CA LYS A 87 10.88 10.12 20.10
C LYS A 87 10.59 8.69 20.52
N GLY A 90 9.74 3.27 18.99
CA GLY A 90 9.70 2.36 17.87
C GLY A 90 10.16 3.05 16.60
N LYS A 91 10.78 2.28 15.70
CA LYS A 91 11.32 2.83 14.46
C LYS A 91 10.20 3.24 13.50
N ASN A 92 10.36 4.42 12.91
CA ASN A 92 9.43 4.89 11.89
C ASN A 92 10.15 5.93 11.03
N ASP A 93 9.49 6.36 9.95
CA ASP A 93 10.09 7.28 9.00
C ASP A 93 9.60 8.71 9.17
N ASN A 94 8.86 9.03 10.23
CA ASN A 94 8.27 10.34 10.39
C ASN A 94 9.31 11.27 11.01
N LYS A 95 10.22 11.72 10.19
CA LYS A 95 11.34 12.53 10.66
C LYS A 95 10.90 14.00 10.79
N PRO A 96 11.29 14.68 11.86
CA PRO A 96 10.81 16.04 12.10
C PRO A 96 11.48 17.04 11.17
N LEU A 97 10.70 18.02 10.72
CA LEU A 97 11.16 19.10 9.86
C LEU A 97 10.74 20.43 10.46
N SER A 98 11.61 21.45 10.36
CA SER A 98 11.24 22.75 10.89
C SER A 98 10.34 23.50 9.92
N PRO A 99 9.52 24.43 10.44
CA PRO A 99 8.76 25.29 9.54
C PRO A 99 9.64 26.11 8.64
N GLU A 100 10.80 26.55 9.15
CA GLU A 100 11.70 27.37 8.34
C GLU A 100 12.27 26.55 7.19
N THR A 101 12.75 25.35 7.49
CA THR A 101 13.28 24.48 6.43
C THR A 101 12.18 24.15 5.43
N TRP A 102 10.96 23.90 5.90
CA TRP A 102 9.83 23.70 5.01
C TRP A 102 9.70 24.83 4.00
N GLN A 103 9.85 26.08 4.46
CA GLN A 103 9.68 27.22 3.53
C GLN A 103 10.72 27.17 2.42
N HIS A 104 11.95 26.73 2.74
CA HIS A 104 12.96 26.58 1.69
C HIS A 104 12.57 25.49 0.69
N LEU A 105 12.06 24.35 1.18
CA LEU A 105 11.63 23.30 0.26
C LEU A 105 10.45 23.77 -0.58
N LYS A 106 9.54 24.53 0.02
CA LYS A 106 8.40 25.07 -0.74
C LYS A 106 8.87 26.00 -1.84
N GLY A 107 9.89 26.81 -1.55
CA GLY A 107 10.44 27.67 -2.58
C GLY A 107 11.04 26.89 -3.74
N LEU A 108 11.75 25.82 -3.44
CA LEU A 108 12.32 25.00 -4.52
C LEU A 108 11.22 24.49 -5.44
N VAL A 109 10.15 23.95 -4.87
CA VAL A 109 9.12 23.32 -5.69
C VAL A 109 8.34 24.37 -6.46
N THR A 110 7.92 25.43 -5.77
CA THR A 110 7.11 26.44 -6.46
C THR A 110 7.89 27.14 -7.54
N ARG A 111 9.19 27.36 -7.34
CA ARG A 111 9.97 27.94 -8.44
C ARG A 111 10.12 26.97 -9.60
N GLN A 112 10.30 25.68 -9.31
CA GLN A 112 10.40 24.69 -10.37
C GLN A 112 9.14 24.66 -11.24
N LEU A 113 7.95 24.75 -10.62
CA LEU A 113 6.69 24.70 -11.33
C LEU A 113 6.31 26.02 -11.96
N SER A 114 6.96 27.10 -11.57
CA SER A 114 6.69 28.40 -12.17
C SER A 114 7.19 28.44 -13.61
N GLY A 115 6.45 29.12 -14.46
CA GLY A 115 6.84 29.22 -15.85
C GLY A 115 6.74 27.93 -16.64
N LYS A 116 6.01 26.94 -16.14
CA LYS A 116 5.83 25.66 -16.81
C LYS A 116 4.38 25.50 -17.22
N ARG A 117 4.14 24.57 -18.14
CA ARG A 117 2.81 24.07 -18.40
C ARG A 117 2.50 23.08 -17.28
N LEU A 118 1.40 23.33 -16.56
CA LEU A 118 1.04 22.52 -15.39
C LEU A 118 -0.24 21.74 -15.64
N PHE A 119 -0.24 20.52 -15.14
CA PHE A 119 -1.44 19.72 -14.99
C PHE A 119 -1.95 19.91 -13.58
N VAL A 120 -3.26 20.14 -13.44
CA VAL A 120 -3.91 20.27 -12.15
C VAL A 120 -5.02 19.24 -12.10
N VAL A 121 -4.89 18.28 -11.19
CA VAL A 121 -5.88 17.22 -10.99
C VAL A 121 -6.53 17.42 -9.63
N ASP A 122 -7.84 17.60 -9.63
CA ASP A 122 -8.62 17.61 -8.39
C ASP A 122 -9.25 16.24 -8.19
N ALA A 123 -9.16 15.72 -6.97
CA ALA A 123 -9.64 14.37 -6.72
C ALA A 123 -9.97 14.24 -5.25
N PHE A 124 -10.61 13.12 -4.91
CA PHE A 124 -10.89 12.79 -3.51
C PHE A 124 -10.05 11.62 -3.03
N CYS A 125 -9.71 11.68 -1.76
CA CYS A 125 -9.16 10.55 -1.02
C CYS A 125 -10.20 10.21 0.05
N GLY A 126 -10.85 9.06 -0.13
CA GLY A 126 -11.95 8.64 0.74
C GLY A 126 -13.28 8.59 0.02
N ALA A 127 -13.96 7.45 0.10
CA ALA A 127 -15.21 7.30 -0.63
C ALA A 127 -16.37 8.06 -0.01
N ASN A 128 -16.27 8.46 1.29
CA ASN A 128 -17.41 9.07 1.99
C ASN A 128 -17.23 10.58 2.07
N PRO A 129 -18.25 11.36 1.69
CA PRO A 129 -18.12 12.82 1.79
C PRO A 129 -17.80 13.35 3.18
N ASP A 130 -18.20 12.67 4.25
CA ASP A 130 -18.00 13.25 5.57
C ASP A 130 -16.55 13.19 6.04
N THR A 131 -15.74 12.28 5.50
CA THR A 131 -14.36 12.14 5.96
C THR A 131 -13.32 12.29 4.85
N ARG A 132 -13.73 12.48 3.60
CA ARG A 132 -12.79 12.49 2.50
C ARG A 132 -12.00 13.79 2.47
N LEU A 133 -10.78 13.69 1.94
CA LEU A 133 -9.95 14.83 1.62
C LEU A 133 -10.21 15.23 0.18
N SER A 134 -10.34 16.53 -0.04
CA SER A 134 -10.37 17.11 -1.38
C SER A 134 -8.96 17.54 -1.73
N VAL A 135 -8.29 16.81 -2.62
CA VAL A 135 -6.88 17.01 -2.86
C VAL A 135 -6.69 17.63 -4.24
N ARG A 136 -5.83 18.65 -4.31
CA ARG A 136 -5.44 19.24 -5.58
C ARG A 136 -3.98 18.89 -5.84
N PHE A 137 -3.74 18.16 -6.94
CA PHE A 137 -2.40 17.74 -7.33
C PHE A 137 -1.90 18.64 -8.46
N ILE A 138 -0.66 19.09 -8.37
CA ILE A 138 -0.04 19.97 -9.37
C ILE A 138 1.24 19.33 -9.84
N THR A 139 1.38 19.10 -11.15
CA THR A 139 2.59 18.49 -11.70
C THR A 139 2.90 19.06 -13.06
N GLU A 140 4.15 18.91 -13.49
CA GLU A 140 4.54 19.27 -14.86
C GLU A 140 4.76 18.06 -15.75
N VAL A 141 4.44 16.86 -15.28
CA VAL A 141 4.69 15.61 -16.00
C VAL A 141 3.37 14.91 -16.23
N ALA A 142 3.02 14.67 -17.49
CA ALA A 142 1.70 14.13 -17.79
C ALA A 142 1.46 12.80 -17.13
N TRP A 143 2.45 11.89 -17.12
CA TRP A 143 2.16 10.57 -16.57
C TRP A 143 1.96 10.61 -15.06
N GLN A 144 2.56 11.61 -14.39
CA GLN A 144 2.24 11.82 -12.98
C GLN A 144 0.79 12.23 -12.79
N ALA A 145 0.27 13.09 -13.68
CA ALA A 145 -1.14 13.45 -13.56
C ALA A 145 -2.01 12.25 -13.83
N HIS A 146 -1.60 11.42 -14.77
CA HIS A 146 -2.33 10.21 -15.10
C HIS A 146 -2.36 9.27 -13.91
N PHE A 147 -1.22 9.13 -13.21
CA PHE A 147 -1.17 8.26 -12.04
C PHE A 147 -2.23 8.69 -11.03
N VAL A 148 -2.28 9.97 -10.72
CA VAL A 148 -3.21 10.43 -9.71
C VAL A 148 -4.65 10.39 -10.20
N LYS A 149 -4.88 10.56 -11.51
CA LYS A 149 -6.23 10.38 -12.03
C LYS A 149 -6.70 8.94 -11.84
N ASN A 150 -5.79 7.97 -12.06
CA ASN A 150 -6.13 6.56 -11.87
C ASN A 150 -6.35 6.24 -10.41
N MET A 151 -5.48 6.74 -9.53
CA MET A 151 -5.43 6.19 -8.17
C MET A 151 -6.37 6.88 -7.17
N PHE A 152 -6.71 8.14 -7.36
CA PHE A 152 -7.61 8.85 -6.49
C PHE A 152 -9.03 8.80 -7.06
N ILE A 153 -9.98 9.24 -6.26
CA ILE A 153 -11.37 9.19 -6.68
C ILE A 153 -11.65 10.37 -7.59
N ARG A 154 -12.18 10.09 -8.76
CA ARG A 154 -12.39 11.09 -9.79
C ARG A 154 -13.73 11.79 -9.54
N PRO A 155 -13.74 13.10 -9.31
CA PRO A 155 -15.01 13.77 -8.99
C PRO A 155 -15.95 13.84 -10.16
N SER A 156 -17.23 13.90 -9.85
CA SER A 156 -18.22 14.18 -10.87
C SER A 156 -18.15 15.64 -11.29
N ASP A 157 -18.87 15.96 -12.37
CA ASP A 157 -18.91 17.34 -12.80
C ASP A 157 -19.51 18.26 -11.73
N GLU A 158 -20.54 17.79 -11.01
CA GLU A 158 -21.11 18.60 -9.95
C GLU A 158 -20.11 18.80 -8.81
N GLU A 159 -19.36 17.76 -8.47
CA GLU A 159 -18.37 17.90 -7.41
C GLU A 159 -17.23 18.81 -7.86
N LEU A 160 -16.86 18.77 -9.14
CA LEU A 160 -15.81 19.68 -9.59
C LEU A 160 -16.27 21.13 -9.51
N ALA A 161 -17.56 21.38 -9.75
CA ALA A 161 -18.05 22.76 -9.81
C ALA A 161 -17.91 23.45 -8.46
N GLY A 162 -18.04 22.71 -7.37
CA GLY A 162 -17.85 23.32 -6.07
C GLY A 162 -16.62 22.80 -5.34
N PHE A 163 -15.59 22.37 -6.07
CA PHE A 163 -14.43 21.76 -5.43
C PHE A 163 -13.65 22.78 -4.62
N LYS A 164 -13.35 22.45 -3.37
CA LYS A 164 -12.56 23.32 -2.50
C LYS A 164 -11.46 22.45 -1.92
N PRO A 165 -10.22 22.61 -2.35
CA PRO A 165 -9.15 21.73 -1.83
C PRO A 165 -8.95 21.93 -0.34
N ASP A 166 -8.76 20.83 0.37
CA ASP A 166 -8.26 20.88 1.74
C ASP A 166 -6.91 20.21 1.90
N PHE A 167 -6.27 19.80 0.80
CA PHE A 167 -4.87 19.39 0.77
C PHE A 167 -4.33 19.68 -0.62
N ILE A 168 -3.10 20.19 -0.67
CA ILE A 168 -2.42 20.49 -1.93
C ILE A 168 -1.17 19.64 -2.00
N VAL A 169 -0.95 18.97 -3.13
CA VAL A 169 0.22 18.15 -3.40
C VAL A 169 0.93 18.78 -4.58
N MET A 170 2.16 19.25 -4.36
CA MET A 170 2.94 19.87 -5.40
C MET A 170 4.13 19.00 -5.75
N ASN A 171 4.17 18.50 -6.96
CA ASN A 171 5.18 17.54 -7.35
C ASN A 171 6.25 18.29 -8.13
N GLY A 172 7.38 18.51 -7.47
CA GLY A 172 8.55 19.12 -8.08
C GLY A 172 9.64 18.11 -8.34
N ALA A 173 9.28 16.97 -8.94
CA ALA A 173 10.22 15.88 -9.21
C ALA A 173 11.50 16.38 -9.87
N LYS A 174 11.40 17.35 -10.79
CA LYS A 174 12.59 17.77 -11.52
C LYS A 174 13.51 18.67 -10.74
N CYS A 175 13.14 19.14 -9.55
CA CYS A 175 14.05 19.97 -8.78
C CYS A 175 14.75 19.11 -7.73
N THR A 176 15.86 19.63 -7.21
CA THR A 176 16.52 19.01 -6.07
C THR A 176 16.93 20.11 -5.10
N ASN A 177 17.35 19.70 -3.89
CA ASN A 177 17.63 20.64 -2.81
C ASN A 177 19.13 20.75 -2.63
N PRO A 178 19.75 21.86 -3.03
CA PRO A 178 21.20 22.01 -2.88
C PRO A 178 21.65 22.25 -1.45
N GLN A 179 20.74 22.53 -0.52
CA GLN A 179 21.07 22.85 0.87
C GLN A 179 20.86 21.69 1.83
N TRP A 180 20.73 20.48 1.31
CA TRP A 180 20.31 19.36 2.15
C TRP A 180 21.33 19.06 3.24
N LYS A 181 22.62 19.20 2.95
CA LYS A 181 23.61 18.90 3.99
C LYS A 181 23.48 19.85 5.18
N GLU A 182 23.42 21.15 4.92
CA GLU A 182 23.37 22.09 6.04
C GLU A 182 22.05 21.97 6.81
N GLN A 183 21.00 21.52 6.12
CA GLN A 183 19.68 21.34 6.73
C GLN A 183 19.52 20.00 7.43
N GLY A 184 20.54 19.16 7.43
CA GLY A 184 20.48 17.93 8.18
C GLY A 184 19.58 16.87 7.57
N LEU A 185 19.29 16.98 6.27
CA LEU A 185 18.43 16.02 5.61
C LEU A 185 19.24 14.86 5.03
N ASN A 186 18.53 13.87 4.53
CA ASN A 186 19.16 12.62 4.11
C ASN A 186 19.83 12.76 2.75
N SER A 187 19.26 13.55 1.85
CA SER A 187 19.76 13.64 0.48
C SER A 187 19.17 14.89 -0.14
N GLU A 188 19.47 15.10 -1.44
CA GLU A 188 18.95 16.24 -2.18
C GLU A 188 17.48 16.07 -2.53
N ASN A 189 16.90 14.93 -2.24
CA ASN A 189 15.51 14.63 -2.54
C ASN A 189 14.67 14.86 -1.28
N PHE A 190 13.35 14.96 -1.45
CA PHE A 190 12.54 15.20 -0.26
C PHE A 190 11.09 14.85 -0.55
N VAL A 191 10.41 14.33 0.45
CA VAL A 191 8.98 14.12 0.43
C VAL A 191 8.50 14.64 1.76
N ALA A 192 7.93 15.83 1.78
CA ALA A 192 7.69 16.60 2.98
C ALA A 192 6.21 16.93 3.14
N PHE A 193 5.73 16.93 4.37
CA PHE A 193 4.32 17.14 4.70
C PHE A 193 4.21 18.20 5.76
N ASN A 194 3.22 19.07 5.62
CA ASN A 194 2.96 20.14 6.57
C ASN A 194 1.47 20.14 6.86
N LEU A 195 1.11 19.81 8.10
CA LEU A 195 -0.29 19.70 8.50
C LEU A 195 -0.90 21.03 8.90
N THR A 196 -0.09 22.07 9.07
CA THR A 196 -0.62 23.41 9.31
C THR A 196 -1.07 24.04 8.00
N GLU A 197 -0.24 23.90 6.96
CA GLU A 197 -0.60 24.39 5.63
C GLU A 197 -1.39 23.36 4.82
N ARG A 198 -1.42 22.11 5.25
CA ARG A 198 -2.09 20.99 4.57
C ARG A 198 -1.58 20.83 3.13
N MET A 199 -0.30 20.44 3.06
CA MET A 199 0.43 20.37 1.80
C MET A 199 1.48 19.26 1.85
N GLN A 200 1.72 18.64 0.70
CA GLN A 200 2.81 17.72 0.46
C GLN A 200 3.67 18.32 -0.64
N LEU A 201 4.98 18.31 -0.43
CA LEU A 201 5.96 18.70 -1.43
C LEU A 201 6.82 17.50 -1.78
N ILE A 202 7.08 17.33 -3.07
CA ILE A 202 7.96 16.30 -3.57
C ILE A 202 9.05 16.92 -4.41
N GLY A 203 10.30 16.55 -4.12
CA GLY A 203 11.44 16.98 -4.93
C GLY A 203 12.39 15.84 -5.23
N GLY A 204 12.91 15.77 -6.45
CA GLY A 204 13.96 14.81 -6.79
C GLY A 204 13.47 13.48 -7.30
N THR A 205 12.48 12.89 -6.63
CA THR A 205 11.93 11.63 -7.08
C THR A 205 10.69 11.86 -7.93
N TRP A 206 10.62 11.18 -9.08
CA TRP A 206 9.44 11.25 -9.95
C TRP A 206 8.37 10.23 -9.58
N TYR A 207 8.63 9.37 -8.60
CA TYR A 207 7.80 8.19 -8.43
C TYR A 207 6.40 8.57 -7.97
N GLY A 208 5.39 8.08 -8.69
CA GLY A 208 4.02 8.52 -8.43
C GLY A 208 3.49 8.08 -7.08
N ASN A 209 3.92 6.91 -6.62
CA ASN A 209 3.40 6.36 -5.39
C ASN A 209 3.78 7.20 -4.17
N GLU A 210 4.72 8.14 -4.28
CA GLU A 210 4.92 9.06 -3.18
C GLU A 210 3.67 9.87 -2.88
N MET A 211 2.91 10.22 -3.93
CA MET A 211 1.66 10.97 -3.77
C MET A 211 0.56 10.09 -3.20
N LYS A 212 0.44 8.87 -3.71
CA LYS A 212 -0.59 7.95 -3.25
C LYS A 212 -0.36 7.60 -1.79
N LYS A 213 0.86 7.14 -1.45
CA LYS A 213 1.09 6.77 -0.07
C LYS A 213 1.22 7.98 0.84
N GLY A 214 1.58 9.14 0.28
CA GLY A 214 1.57 10.36 1.05
C GLY A 214 0.18 10.71 1.55
N MET A 215 -0.82 10.69 0.65
CA MET A 215 -2.19 10.95 1.09
C MET A 215 -2.70 9.84 2.00
N PHE A 216 -2.30 8.60 1.77
CA PHE A 216 -2.67 7.53 2.70
C PHE A 216 -2.16 7.86 4.11
N SER A 217 -0.92 8.35 4.21
CA SER A 217 -0.36 8.75 5.50
C SER A 217 -1.18 9.84 6.17
N MET A 218 -1.74 10.75 5.38
CA MET A 218 -2.56 11.82 5.95
C MET A 218 -3.89 11.27 6.44
N MET A 219 -4.52 10.38 5.68
CA MET A 219 -5.72 9.72 6.16
C MET A 219 -5.42 8.94 7.43
N ASN A 220 -4.25 8.31 7.49
CA ASN A 220 -3.87 7.55 8.67
C ASN A 220 -3.67 8.45 9.88
N TYR A 221 -3.43 9.73 9.67
CA TYR A 221 -3.35 10.68 10.76
C TYR A 221 -4.75 11.12 11.20
N LEU A 222 -5.59 11.54 10.25
CA LEU A 222 -6.84 12.19 10.57
C LEU A 222 -7.93 11.22 11.01
N LEU A 223 -8.00 10.02 10.42
CA LEU A 223 -9.18 9.18 10.63
C LEU A 223 -9.20 8.57 12.02
N PRO A 224 -8.13 7.95 12.51
CA PRO A 224 -8.20 7.32 13.84
C PRO A 224 -8.40 8.32 14.95
N LEU A 225 -7.99 9.57 14.74
CA LEU A 225 -8.27 10.60 15.72
C LEU A 225 -9.76 10.92 15.81
N LYS A 226 -10.56 10.49 14.82
CA LYS A 226 -12.00 10.59 14.84
C LYS A 226 -12.67 9.23 15.02
N GLY A 227 -11.92 8.21 15.44
CA GLY A 227 -12.53 6.92 15.74
C GLY A 227 -12.69 6.00 14.55
N ILE A 228 -12.10 6.32 13.42
CA ILE A 228 -12.25 5.54 12.19
C ILE A 228 -10.96 4.78 11.93
N ALA A 229 -11.05 3.47 11.76
CA ALA A 229 -9.86 2.69 11.44
C ALA A 229 -9.38 3.08 10.05
N SER A 230 -8.06 3.12 9.89
CA SER A 230 -7.43 3.45 8.61
C SER A 230 -6.39 2.37 8.35
N MET A 231 -6.53 1.64 7.24
CA MET A 231 -5.99 0.28 7.11
C MET A 231 -5.28 0.09 5.78
N HIS A 232 -4.09 -0.52 5.85
CA HIS A 232 -3.36 -0.99 4.68
C HIS A 232 -3.85 -2.39 4.35
N CYS A 233 -4.95 -2.43 3.59
CA CYS A 233 -5.61 -3.67 3.28
C CYS A 233 -6.37 -3.54 1.97
N SER A 234 -6.59 -4.69 1.37
CA SER A 234 -7.58 -4.80 0.31
C SER A 234 -8.90 -5.27 0.92
N ALA A 235 -9.97 -5.23 0.14
CA ALA A 235 -11.30 -5.54 0.68
C ALA A 235 -12.22 -5.98 -0.45
N ASN A 236 -13.07 -6.95 -0.16
CA ASN A 236 -14.07 -7.36 -1.13
C ASN A 236 -15.29 -7.89 -0.38
N VAL A 237 -16.33 -8.17 -1.14
CA VAL A 237 -17.60 -8.58 -0.55
C VAL A 237 -18.22 -9.68 -1.39
N GLY A 238 -18.87 -10.63 -0.72
CA GLY A 238 -19.50 -11.74 -1.41
C GLY A 238 -20.95 -11.45 -1.77
N GLU A 239 -21.58 -12.45 -2.37
CA GLU A 239 -22.97 -12.30 -2.79
C GLU A 239 -23.88 -11.97 -1.60
N LYS A 240 -23.59 -12.55 -0.44
CA LYS A 240 -24.42 -12.35 0.76
C LYS A 240 -24.16 -11.04 1.48
N GLY A 241 -23.22 -10.21 1.03
CA GLY A 241 -22.92 -8.98 1.73
C GLY A 241 -21.86 -9.12 2.80
N ASP A 242 -21.22 -10.28 2.87
CA ASP A 242 -20.14 -10.54 3.83
C ASP A 242 -18.85 -9.92 3.33
N VAL A 243 -18.25 -9.08 4.13
CA VAL A 243 -17.09 -8.28 3.76
C VAL A 243 -15.85 -8.91 4.38
N ALA A 244 -14.76 -8.96 3.61
CA ALA A 244 -13.46 -9.39 4.07
C ALA A 244 -12.43 -8.31 3.81
N VAL A 245 -11.49 -8.15 4.75
CA VAL A 245 -10.34 -7.28 4.57
C VAL A 245 -9.08 -8.13 4.65
N PHE A 246 -8.06 -7.74 3.87
CA PHE A 246 -6.82 -8.49 3.73
C PHE A 246 -5.68 -7.50 4.00
N PHE A 247 -5.08 -7.58 5.18
CA PHE A 247 -3.90 -6.78 5.51
C PHE A 247 -2.65 -7.50 5.05
N GLY A 248 -1.58 -6.74 4.89
CA GLY A 248 -0.31 -7.36 4.58
C GLY A 248 0.69 -6.33 4.10
N LEU A 249 1.97 -6.65 4.23
CA LEU A 249 3.02 -5.77 3.75
C LEU A 249 3.14 -5.89 2.23
N SER A 250 4.03 -5.09 1.63
CA SER A 250 4.12 -5.10 0.19
C SER A 250 4.50 -6.49 -0.33
N GLY A 251 3.85 -6.90 -1.41
CA GLY A 251 4.19 -8.15 -2.06
C GLY A 251 3.55 -9.37 -1.45
N THR A 252 2.69 -9.21 -0.46
CA THR A 252 2.15 -10.38 0.25
C THR A 252 0.88 -10.92 -0.35
N GLY A 253 0.23 -10.16 -1.24
CA GLY A 253 -0.92 -10.70 -1.94
C GLY A 253 -2.19 -9.89 -1.85
N LYS A 254 -2.20 -8.69 -1.28
CA LYS A 254 -3.47 -7.99 -1.09
C LYS A 254 -4.18 -7.77 -2.43
N THR A 255 -3.48 -7.23 -3.40
CA THR A 255 -4.08 -6.97 -4.71
C THR A 255 -4.36 -8.27 -5.46
N THR A 256 -3.39 -9.18 -5.46
CA THR A 256 -3.55 -10.45 -6.17
C THR A 256 -4.78 -11.21 -5.69
N LEU A 257 -4.93 -11.36 -4.37
CA LEU A 257 -5.94 -12.25 -3.82
C LEU A 257 -7.29 -11.59 -3.62
N SER A 258 -7.36 -10.25 -3.56
CA SER A 258 -8.67 -9.61 -3.47
C SER A 258 -9.37 -9.52 -4.82
N THR A 259 -8.61 -9.57 -5.91
CA THR A 259 -9.16 -9.53 -7.25
C THR A 259 -9.52 -10.98 -7.53
N ASP A 260 -10.75 -11.32 -7.15
CA ASP A 260 -11.24 -12.68 -6.99
C ASP A 260 -12.53 -12.79 -7.81
N PRO A 261 -12.64 -13.76 -8.71
CA PRO A 261 -13.86 -13.85 -9.53
C PRO A 261 -15.11 -14.18 -8.72
N LYS A 262 -14.98 -14.70 -7.50
CA LYS A 262 -16.13 -15.03 -6.68
C LYS A 262 -16.63 -13.84 -5.85
N ARG A 263 -15.98 -12.68 -5.92
CA ARG A 263 -16.26 -11.59 -5.00
C ARG A 263 -16.28 -10.26 -5.75
N ARG A 264 -17.01 -9.30 -5.19
CA ARG A 264 -17.05 -7.94 -5.71
C ARG A 264 -15.94 -7.14 -5.03
N LEU A 265 -15.04 -6.56 -5.82
CA LEU A 265 -13.93 -5.80 -5.27
C LEU A 265 -14.39 -4.47 -4.71
N ILE A 266 -14.04 -4.21 -3.45
CA ILE A 266 -14.20 -2.88 -2.86
C ILE A 266 -12.98 -2.02 -3.15
N GLY A 267 -11.79 -2.56 -2.91
CA GLY A 267 -10.56 -1.83 -3.18
C GLY A 267 -9.36 -2.71 -2.90
N ASP A 268 -8.18 -2.27 -3.35
CA ASP A 268 -7.03 -3.17 -3.26
C ASP A 268 -5.93 -2.77 -2.27
N ASP A 269 -6.04 -1.63 -1.59
CA ASP A 269 -4.86 -1.20 -0.81
C ASP A 269 -5.08 -0.33 0.43
N GLU A 270 -6.11 0.52 0.44
CA GLU A 270 -6.28 1.55 1.47
C GLU A 270 -7.76 1.67 1.79
N HIS A 271 -8.15 1.36 3.04
CA HIS A 271 -9.55 1.43 3.43
C HIS A 271 -9.71 2.00 4.84
N GLY A 272 -10.87 2.60 5.08
CA GLY A 272 -11.28 3.00 6.41
C GLY A 272 -12.40 2.10 6.89
N TRP A 273 -12.67 2.15 8.20
CA TRP A 273 -13.75 1.37 8.80
C TRP A 273 -14.43 2.29 9.81
N ASP A 274 -15.61 2.79 9.47
CA ASP A 274 -16.35 3.74 10.29
C ASP A 274 -17.61 3.05 10.81
N ASP A 275 -18.54 3.86 11.35
CA ASP A 275 -19.76 3.29 11.95
C ASP A 275 -20.61 2.52 10.95
N ASP A 276 -20.49 2.82 9.65
CA ASP A 276 -21.30 2.17 8.63
C ASP A 276 -20.61 0.99 7.94
N GLY A 277 -19.28 0.92 7.96
CA GLY A 277 -18.60 -0.20 7.36
C GLY A 277 -17.27 0.22 6.76
N VAL A 278 -16.84 -0.58 5.79
CA VAL A 278 -15.50 -0.49 5.21
C VAL A 278 -15.61 0.28 3.90
N PHE A 279 -14.72 1.26 3.71
CA PHE A 279 -14.78 2.09 2.52
C PHE A 279 -13.39 2.30 1.93
N ASN A 280 -13.33 2.35 0.61
CA ASN A 280 -12.06 2.53 -0.10
C ASN A 280 -11.68 4.00 -0.08
N PHE A 281 -10.37 4.27 0.04
CA PHE A 281 -9.86 5.63 -0.13
C PHE A 281 -9.62 6.00 -1.59
N GLU A 282 -9.52 5.02 -2.48
CA GLU A 282 -8.92 5.19 -3.80
C GLU A 282 -9.92 4.94 -4.91
N GLY A 283 -9.53 5.37 -6.10
CA GLY A 283 -10.31 5.15 -7.31
C GLY A 283 -9.67 4.21 -8.32
N GLY A 284 -8.60 3.53 -7.95
CA GLY A 284 -7.90 2.63 -8.86
C GLY A 284 -7.12 1.62 -8.07
N CYS A 285 -6.46 0.74 -8.81
CA CYS A 285 -5.63 -0.30 -8.24
C CYS A 285 -4.23 -0.24 -8.83
N TYR A 286 -3.27 -0.75 -8.09
CA TYR A 286 -1.85 -0.57 -8.40
C TYR A 286 -1.16 -1.94 -8.30
N ALA A 287 -1.24 -2.71 -9.36
CA ALA A 287 -0.84 -4.12 -9.36
C ALA A 287 0.64 -4.29 -9.66
N LYS A 288 1.23 -5.31 -9.02
CA LYS A 288 2.58 -5.75 -9.39
C LYS A 288 2.54 -6.61 -10.66
N THR A 289 3.47 -6.35 -11.57
CA THR A 289 3.47 -7.05 -12.84
C THR A 289 4.65 -8.01 -13.03
N ILE A 290 5.58 -8.13 -12.07
CA ILE A 290 6.72 -9.01 -12.30
C ILE A 290 6.21 -10.45 -12.44
N LYS A 291 6.60 -11.11 -13.53
CA LYS A 291 6.22 -12.48 -13.82
C LYS A 291 4.70 -12.64 -13.96
N LEU A 292 3.98 -11.56 -14.29
CA LEU A 292 2.53 -11.63 -14.39
C LEU A 292 2.11 -12.73 -15.34
N SER A 293 1.16 -13.55 -14.89
CA SER A 293 0.61 -14.65 -15.68
C SER A 293 -0.86 -14.37 -15.95
N LYS A 294 -1.23 -14.30 -17.25
CA LYS A 294 -2.62 -14.15 -17.62
C LYS A 294 -3.47 -15.31 -17.13
N GLU A 295 -2.89 -16.50 -17.01
CA GLU A 295 -3.66 -17.64 -16.53
C GLU A 295 -3.89 -17.56 -15.02
N ALA A 296 -2.89 -17.12 -14.27
CA ALA A 296 -3.01 -17.05 -12.81
C ALA A 296 -3.75 -15.81 -12.33
N GLU A 297 -3.62 -14.69 -13.05
CA GLU A 297 -4.23 -13.42 -12.65
C GLU A 297 -4.94 -12.80 -13.86
N PRO A 298 -6.00 -13.45 -14.34
CA PRO A 298 -6.64 -12.97 -15.58
C PRO A 298 -7.31 -11.60 -15.47
N GLU A 299 -7.91 -11.28 -14.32
CA GLU A 299 -8.60 -10.00 -14.19
C GLU A 299 -7.59 -8.85 -14.18
N ILE A 300 -6.50 -8.99 -13.43
CA ILE A 300 -5.45 -7.96 -13.45
C ILE A 300 -4.87 -7.82 -14.85
N TYR A 301 -4.56 -8.95 -15.49
CA TYR A 301 -3.99 -8.91 -16.83
C TYR A 301 -4.92 -8.17 -17.78
N ASN A 302 -6.22 -8.45 -17.70
CA ASN A 302 -7.23 -7.87 -18.58
CA ASN A 302 -7.15 -7.86 -18.64
C ASN A 302 -7.39 -6.38 -18.36
N ALA A 303 -7.03 -5.89 -17.18
CA ALA A 303 -7.13 -4.47 -16.88
C ALA A 303 -6.02 -3.66 -17.55
N ILE A 304 -5.03 -4.33 -18.13
CA ILE A 304 -3.92 -3.65 -18.77
C ILE A 304 -4.34 -3.34 -20.20
N ARG A 305 -4.84 -2.14 -20.41
CA ARG A 305 -5.39 -1.68 -21.68
C ARG A 305 -5.37 -0.16 -21.62
N ARG A 306 -5.85 0.47 -22.68
CA ARG A 306 -5.81 1.92 -22.73
C ARG A 306 -6.35 2.53 -21.45
N ASP A 307 -5.58 3.47 -20.90
CA ASP A 307 -5.81 4.25 -19.68
C ASP A 307 -5.15 3.61 -18.47
N ALA A 308 -4.70 2.37 -18.56
CA ALA A 308 -3.76 1.86 -17.57
C ALA A 308 -2.40 2.47 -17.82
N LEU A 309 -1.58 2.51 -16.78
CA LEU A 309 -0.26 3.13 -16.86
C LEU A 309 0.75 2.14 -16.30
N LEU A 310 1.55 1.58 -17.18
CA LEU A 310 2.60 0.64 -16.81
C LEU A 310 3.86 1.38 -16.38
N GLU A 311 4.51 0.87 -15.33
CA GLU A 311 5.69 1.50 -14.76
C GLU A 311 6.86 0.52 -14.81
N ASN A 312 7.91 0.91 -15.52
CA ASN A 312 9.22 0.28 -15.48
C ASN A 312 9.27 -1.11 -16.10
N VAL A 313 8.25 -1.51 -16.85
CA VAL A 313 8.31 -2.78 -17.56
C VAL A 313 9.24 -2.66 -18.76
N THR A 314 9.73 -3.80 -19.20
CA THR A 314 10.50 -3.90 -20.42
C THR A 314 9.55 -4.08 -21.59
N VAL A 315 9.64 -3.18 -22.56
CA VAL A 315 8.83 -3.24 -23.77
C VAL A 315 9.77 -3.55 -24.92
N ARG A 316 9.49 -4.63 -25.63
CA ARG A 316 10.35 -5.03 -26.74
C ARG A 316 10.11 -4.10 -27.94
N GLU A 317 10.96 -4.25 -28.96
CA GLU A 317 10.90 -3.37 -30.11
C GLU A 317 9.54 -3.44 -30.80
N ASP A 318 8.91 -4.62 -30.81
CA ASP A 318 7.63 -4.82 -31.47
C ASP A 318 6.44 -4.43 -30.60
N GLY A 319 6.68 -3.81 -29.43
CA GLY A 319 5.61 -3.34 -28.59
C GLY A 319 5.08 -4.34 -27.59
N THR A 320 5.55 -5.59 -27.61
CA THR A 320 5.14 -6.56 -26.60
C THR A 320 5.89 -6.34 -25.28
N ILE A 321 5.27 -6.76 -24.19
CA ILE A 321 5.81 -6.56 -22.85
C ILE A 321 6.47 -7.84 -22.39
N ASP A 322 7.71 -7.75 -21.91
CA ASP A 322 8.36 -8.86 -21.23
C ASP A 322 8.09 -8.71 -19.74
N PHE A 323 7.00 -9.34 -19.28
CA PHE A 323 6.64 -9.19 -17.88
C PHE A 323 7.61 -9.88 -16.95
N ASP A 324 8.44 -10.80 -17.45
CA ASP A 324 9.38 -11.52 -16.60
C ASP A 324 10.64 -10.71 -16.31
N ASP A 325 10.88 -9.61 -17.02
CA ASP A 325 12.14 -8.88 -16.98
C ASP A 325 12.11 -7.88 -15.83
N GLY A 326 12.91 -8.12 -14.80
CA GLY A 326 13.03 -7.22 -13.67
C GLY A 326 14.30 -6.39 -13.71
N SER A 327 14.85 -6.18 -14.91
CA SER A 327 16.13 -5.50 -15.05
C SER A 327 16.06 -4.06 -14.56
N LYS A 328 14.98 -3.34 -14.88
CA LYS A 328 14.84 -1.98 -14.37
C LYS A 328 14.51 -2.01 -12.87
N THR A 329 13.77 -3.02 -12.44
CA THR A 329 13.36 -3.19 -11.05
C THR A 329 12.49 -4.44 -10.96
N GLU A 330 12.50 -5.08 -9.80
CA GLU A 330 11.50 -6.12 -9.54
C GLU A 330 10.12 -5.51 -9.27
N ASN A 331 10.06 -4.22 -8.90
CA ASN A 331 8.81 -3.56 -8.57
C ASN A 331 8.15 -2.95 -9.81
N THR A 332 8.07 -3.70 -10.91
CA THR A 332 7.25 -3.26 -12.03
C THR A 332 5.79 -3.22 -11.60
N ARG A 333 5.05 -2.23 -12.12
CA ARG A 333 3.70 -1.95 -11.64
C ARG A 333 2.82 -1.55 -12.80
N VAL A 334 1.51 -1.63 -12.58
CA VAL A 334 0.53 -1.02 -13.47
C VAL A 334 -0.57 -0.42 -12.61
N SER A 335 -0.94 0.84 -12.89
CA SER A 335 -2.11 1.45 -12.29
C SER A 335 -3.25 1.49 -13.30
N TYR A 336 -4.46 1.38 -12.79
CA TYR A 336 -5.62 1.44 -13.65
C TYR A 336 -6.79 1.93 -12.82
N PRO A 337 -7.73 2.65 -13.42
CA PRO A 337 -8.96 2.96 -12.69
C PRO A 337 -9.69 1.68 -12.33
N ILE A 338 -10.39 1.73 -11.21
CA ILE A 338 -10.92 0.49 -10.62
C ILE A 338 -11.94 -0.17 -11.53
N TYR A 339 -12.63 0.60 -12.38
CA TYR A 339 -13.61 0.00 -13.29
C TYR A 339 -12.98 -0.83 -14.41
N HIS A 340 -11.64 -0.90 -14.51
CA HIS A 340 -11.03 -1.86 -15.41
C HIS A 340 -11.17 -3.28 -14.88
N ILE A 341 -11.64 -3.44 -13.64
CA ILE A 341 -12.01 -4.74 -13.09
C ILE A 341 -13.51 -4.90 -13.26
N ASP A 342 -13.94 -6.08 -13.74
CA ASP A 342 -15.34 -6.28 -14.11
C ASP A 342 -16.26 -6.28 -12.89
N ASN A 343 -15.89 -6.99 -11.84
CA ASN A 343 -16.84 -7.24 -10.76
C ASN A 343 -16.41 -6.40 -9.57
N ILE A 344 -16.91 -5.15 -9.53
CA ILE A 344 -16.59 -4.21 -8.46
C ILE A 344 -17.88 -3.69 -7.83
N VAL A 345 -17.73 -3.24 -6.59
CA VAL A 345 -18.77 -2.45 -5.94
C VAL A 345 -18.83 -1.07 -6.59
N LYS A 346 -20.03 -0.64 -6.97
CA LYS A 346 -20.22 0.65 -7.62
C LYS A 346 -21.64 1.12 -7.37
N PRO A 347 -21.90 2.43 -7.38
CA PRO A 347 -21.00 3.52 -7.79
C PRO A 347 -20.06 4.05 -6.72
N VAL A 348 -20.18 3.59 -5.49
CA VAL A 348 -19.33 4.03 -4.39
C VAL A 348 -18.63 2.80 -3.84
N SER A 349 -17.31 2.88 -3.70
CA SER A 349 -16.52 1.72 -3.24
C SER A 349 -16.59 1.61 -1.72
N LYS A 350 -17.63 0.94 -1.23
CA LYS A 350 -17.80 0.79 0.21
C LYS A 350 -18.80 -0.34 0.40
N ALA A 351 -18.78 -0.90 1.59
CA ALA A 351 -19.72 -1.96 1.95
C ALA A 351 -19.84 -1.97 3.47
N GLY A 352 -20.47 -3.01 3.98
CA GLY A 352 -20.71 -3.10 5.41
C GLY A 352 -19.48 -3.48 6.21
N HIS A 353 -19.75 -3.88 7.45
CA HIS A 353 -18.69 -4.23 8.37
C HIS A 353 -18.04 -5.55 7.98
N ALA A 354 -16.71 -5.60 8.11
CA ALA A 354 -15.98 -6.82 7.82
C ALA A 354 -16.22 -7.85 8.91
N THR A 355 -16.49 -9.08 8.50
CA THR A 355 -16.55 -10.20 9.43
C THR A 355 -15.39 -11.16 9.29
N LYS A 356 -14.57 -11.00 8.26
CA LYS A 356 -13.37 -11.79 8.07
C LYS A 356 -12.21 -10.83 7.89
N VAL A 357 -11.17 -11.03 8.68
CA VAL A 357 -9.96 -10.20 8.69
C VAL A 357 -8.80 -11.13 8.48
N ILE A 358 -8.10 -10.96 7.37
CA ILE A 358 -7.03 -11.86 6.95
C ILE A 358 -5.73 -11.09 7.00
N PHE A 359 -4.76 -11.59 7.74
CA PHE A 359 -3.41 -11.03 7.74
C PHE A 359 -2.58 -11.88 6.80
N LEU A 360 -2.10 -11.28 5.71
CA LEU A 360 -1.22 -11.97 4.79
C LEU A 360 0.22 -11.71 5.18
N THR A 361 1.04 -12.75 5.12
CA THR A 361 2.48 -12.63 5.32
C THR A 361 3.18 -13.55 4.33
N ALA A 362 4.38 -13.18 3.92
CA ALA A 362 5.18 -14.03 3.05
C ALA A 362 6.41 -14.47 3.84
N ASP A 363 6.33 -15.65 4.47
CA ASP A 363 7.35 -16.03 5.44
C ASP A 363 8.50 -16.71 4.71
N ALA A 364 9.56 -15.96 4.44
CA ALA A 364 10.74 -16.52 3.77
C ALA A 364 11.52 -17.48 4.66
N PHE A 365 11.21 -17.55 5.95
CA PHE A 365 11.84 -18.53 6.82
C PHE A 365 11.22 -19.91 6.66
N GLY A 366 10.05 -19.97 6.06
CA GLY A 366 9.40 -21.25 5.79
C GLY A 366 8.88 -21.92 7.04
N VAL A 367 8.37 -21.13 7.99
CA VAL A 367 7.95 -21.63 9.29
C VAL A 367 6.43 -21.59 9.46
N LEU A 368 5.80 -20.53 9.02
CA LEU A 368 4.41 -20.30 9.33
C LEU A 368 3.50 -21.13 8.43
N PRO A 369 2.37 -21.58 8.94
CA PRO A 369 1.50 -22.44 8.15
C PRO A 369 0.78 -21.65 7.09
N PRO A 370 0.31 -22.30 6.02
CA PRO A 370 -0.48 -21.57 5.01
C PRO A 370 -1.68 -20.86 5.58
N VAL A 371 -2.37 -21.46 6.56
CA VAL A 371 -3.50 -20.79 7.17
C VAL A 371 -3.62 -21.21 8.62
N SER A 372 -3.92 -20.23 9.46
CA SER A 372 -4.26 -20.47 10.85
C SER A 372 -5.34 -19.48 11.26
N ARG A 373 -6.23 -19.94 12.14
CA ARG A 373 -7.27 -19.12 12.72
C ARG A 373 -6.74 -18.57 14.05
N LEU A 374 -6.83 -17.26 14.24
CA LEU A 374 -6.16 -16.58 15.34
C LEU A 374 -7.12 -16.33 16.50
N THR A 375 -6.61 -16.48 17.73
CA THR A 375 -7.36 -16.00 18.87
C THR A 375 -7.40 -14.47 18.85
N ALA A 376 -8.27 -13.90 19.70
CA ALA A 376 -8.34 -12.46 19.82
C ALA A 376 -7.00 -11.86 20.24
N ASP A 377 -6.33 -12.44 21.23
CA ASP A 377 -5.03 -11.90 21.63
C ASP A 377 -3.98 -12.11 20.55
N GLN A 378 -4.03 -13.24 19.84
CA GLN A 378 -3.08 -13.44 18.76
C GLN A 378 -3.29 -12.43 17.65
N THR A 379 -4.55 -12.04 17.43
CA THR A 379 -4.86 -11.03 16.42
C THR A 379 -4.12 -9.74 16.73
N GLN A 380 -4.19 -9.25 17.98
CA GLN A 380 -3.51 -8.03 18.36
C GLN A 380 -2.00 -8.20 18.32
N TYR A 381 -1.50 -9.34 18.79
CA TYR A 381 -0.06 -9.60 18.78
C TYR A 381 0.49 -9.54 17.36
N HIS A 382 -0.18 -10.21 16.42
CA HIS A 382 0.34 -10.27 15.06
C HIS A 382 0.08 -8.99 14.29
N PHE A 383 -0.98 -8.25 14.64
CA PHE A 383 -1.20 -6.94 14.03
C PHE A 383 -0.10 -5.96 14.41
N LEU A 384 0.27 -5.93 15.70
CA LEU A 384 1.35 -5.04 16.13
C LEU A 384 2.71 -5.50 15.63
N SER A 385 2.93 -6.81 15.52
CA SER A 385 4.19 -7.33 15.02
C SER A 385 4.39 -6.98 13.55
N GLY A 386 3.36 -7.23 12.73
CA GLY A 386 3.46 -6.87 11.32
C GLY A 386 4.62 -7.51 10.58
N PHE A 387 4.67 -8.83 10.58
CA PHE A 387 5.80 -9.58 10.05
C PHE A 387 5.62 -9.93 8.57
N THR A 388 6.71 -9.84 7.83
CA THR A 388 6.92 -10.58 6.59
C THR A 388 8.42 -10.76 6.46
N ALA A 389 8.83 -11.55 5.45
CA ALA A 389 10.25 -11.73 5.21
C ALA A 389 10.50 -11.91 3.72
N LYS A 390 11.75 -11.72 3.33
CA LYS A 390 12.17 -11.79 1.94
C LYS A 390 13.40 -12.66 1.84
N LEU A 391 13.56 -13.31 0.69
CA LEU A 391 14.82 -13.96 0.32
C LEU A 391 15.69 -12.89 -0.32
N ALA A 392 16.49 -12.21 0.50
CA ALA A 392 17.21 -11.03 0.06
C ALA A 392 18.41 -11.37 -0.84
N GLY A 393 19.02 -12.54 -0.63
CA GLY A 393 20.27 -12.87 -1.30
C GLY A 393 20.12 -13.59 -2.63
N THR A 394 18.91 -13.68 -3.18
CA THR A 394 18.68 -14.50 -4.37
C THR A 394 19.67 -14.16 -5.49
N GLU A 395 19.92 -12.87 -5.72
CA GLU A 395 20.82 -12.48 -6.80
C GLU A 395 22.25 -12.93 -6.57
N ARG A 396 22.62 -13.25 -5.33
CA ARG A 396 23.91 -13.83 -5.00
C ARG A 396 23.82 -15.33 -4.71
N GLY A 397 22.71 -15.96 -5.09
CA GLY A 397 22.57 -17.40 -4.97
C GLY A 397 22.42 -17.93 -3.57
N ILE A 398 21.94 -17.11 -2.63
CA ILE A 398 21.77 -17.57 -1.27
C ILE A 398 20.37 -17.22 -0.77
N THR A 399 19.93 -17.97 0.25
CA THR A 399 18.70 -17.67 0.99
C THR A 399 19.14 -16.94 2.24
N GLU A 400 19.08 -15.64 2.20
CA GLU A 400 19.34 -14.89 3.42
C GLU A 400 17.97 -14.40 3.85
N PRO A 401 17.13 -15.23 4.46
CA PRO A 401 15.82 -14.73 4.83
C PRO A 401 16.00 -13.51 5.71
N THR A 402 15.37 -12.42 5.33
CA THR A 402 15.53 -11.15 5.99
C THR A 402 14.17 -10.75 6.54
N PRO A 403 14.02 -10.61 7.85
CA PRO A 403 12.72 -10.26 8.42
C PRO A 403 12.43 -8.77 8.29
N THR A 404 11.15 -8.47 8.16
CA THR A 404 10.62 -7.15 8.37
C THR A 404 9.51 -7.25 9.40
N PHE A 405 9.57 -6.39 10.42
CA PHE A 405 8.49 -6.18 11.36
C PHE A 405 8.03 -4.74 11.16
N SER A 406 6.86 -4.58 10.58
CA SER A 406 6.30 -3.28 10.23
C SER A 406 4.90 -3.22 10.85
N ALA A 407 4.80 -2.49 11.96
CA ALA A 407 3.59 -2.46 12.79
C ALA A 407 2.36 -2.18 11.95
N CYS A 408 1.29 -2.92 12.24
CA CYS A 408 0.01 -2.75 11.59
C CYS A 408 0.08 -3.12 10.13
N PHE A 409 1.08 -3.90 9.73
CA PHE A 409 1.30 -4.26 8.33
C PHE A 409 1.45 -3.04 7.43
N GLY A 410 1.93 -1.92 7.97
CA GLY A 410 2.15 -0.73 7.15
C GLY A 410 2.73 0.44 7.89
N ALA A 411 3.83 0.20 8.63
CA ALA A 411 4.39 1.23 9.48
C ALA A 411 4.93 2.41 8.69
N ALA A 412 5.34 2.18 7.45
CA ALA A 412 5.83 3.27 6.61
C ALA A 412 4.78 4.36 6.38
N PHE A 413 3.51 4.06 6.61
CA PHE A 413 2.40 4.99 6.33
C PHE A 413 1.71 5.45 7.59
N LEU A 414 2.17 5.00 8.75
CA LEU A 414 1.49 5.38 9.99
C LEU A 414 1.97 6.74 10.45
N SER A 415 1.02 7.55 10.86
CA SER A 415 1.25 8.88 11.38
C SER A 415 1.01 8.96 12.87
N LEU A 416 0.28 7.99 13.44
CA LEU A 416 0.04 7.86 14.87
C LEU A 416 0.73 6.61 15.39
N HIS A 417 0.73 6.45 16.72
CA HIS A 417 1.40 5.30 17.29
C HIS A 417 0.64 4.02 16.90
N PRO A 418 1.36 2.91 16.64
CA PRO A 418 0.69 1.65 16.30
C PRO A 418 -0.45 1.24 17.22
N THR A 419 -0.33 1.49 18.53
CA THR A 419 -1.41 1.06 19.41
C THR A 419 -2.70 1.81 19.14
N GLN A 420 -2.64 3.03 18.59
CA GLN A 420 -3.87 3.74 18.24
C GLN A 420 -4.62 3.08 17.08
N TYR A 421 -3.90 2.50 16.11
CA TYR A 421 -4.54 1.76 15.02
C TYR A 421 -5.11 0.45 15.53
N ALA A 422 -4.36 -0.22 16.40
CA ALA A 422 -4.82 -1.49 16.97
C ALA A 422 -6.11 -1.30 17.76
N GLU A 423 -6.18 -0.23 18.57
CA GLU A 423 -7.35 -0.01 19.42
C GLU A 423 -8.61 0.17 18.59
N VAL A 424 -8.53 0.96 17.52
CA VAL A 424 -9.72 1.21 16.74
C VAL A 424 -10.08 -0.01 15.89
N LEU A 425 -9.07 -0.76 15.41
CA LEU A 425 -9.37 -1.98 14.68
C LEU A 425 -10.10 -2.98 15.56
N VAL A 426 -9.60 -3.17 16.79
CA VAL A 426 -10.25 -4.12 17.70
C VAL A 426 -11.68 -3.71 17.98
N LYS A 427 -11.90 -2.42 18.23
CA LYS A 427 -13.24 -1.89 18.45
C LYS A 427 -14.17 -2.26 17.31
N ARG A 428 -13.73 -2.05 16.07
CA ARG A 428 -14.58 -2.36 14.93
C ARG A 428 -14.80 -3.86 14.78
N MET A 429 -13.75 -4.65 14.99
CA MET A 429 -13.86 -6.10 14.85
C MET A 429 -14.79 -6.68 15.89
N GLN A 430 -14.69 -6.20 17.13
CA GLN A 430 -15.53 -6.73 18.21
C GLN A 430 -16.99 -6.40 17.97
N ALA A 431 -17.28 -5.19 17.48
CA ALA A 431 -18.66 -4.81 17.23
C ALA A 431 -19.28 -5.64 16.11
N ALA A 432 -18.48 -6.07 15.13
CA ALA A 432 -18.97 -6.85 14.00
C ALA A 432 -18.91 -8.36 14.24
N GLY A 433 -18.29 -8.81 15.32
CA GLY A 433 -18.06 -10.23 15.50
C GLY A 433 -17.06 -10.83 14.52
N ALA A 434 -16.07 -10.05 14.09
CA ALA A 434 -15.17 -10.52 13.06
C ALA A 434 -14.18 -11.55 13.62
N GLN A 435 -13.78 -12.48 12.76
CA GLN A 435 -12.76 -13.46 13.05
C GLN A 435 -11.53 -13.14 12.21
N ALA A 436 -10.34 -13.44 12.75
CA ALA A 436 -9.09 -13.16 12.06
C ALA A 436 -8.34 -14.45 11.74
N TYR A 437 -7.55 -14.40 10.68
CA TYR A 437 -6.80 -15.52 10.14
C TYR A 437 -5.44 -15.02 9.69
N LEU A 438 -4.42 -15.85 9.87
CA LEU A 438 -3.07 -15.59 9.39
C LEU A 438 -2.81 -16.51 8.21
N VAL A 439 -2.46 -15.93 7.06
CA VAL A 439 -2.21 -16.68 5.85
C VAL A 439 -0.77 -16.42 5.40
N ASN A 440 0.01 -17.49 5.27
CA ASN A 440 1.39 -17.41 4.74
C ASN A 440 1.30 -17.65 3.24
N THR A 441 1.40 -16.56 2.47
CA THR A 441 1.46 -16.65 1.02
C THR A 441 2.90 -16.83 0.54
N GLY A 442 3.84 -17.01 1.45
CA GLY A 442 5.22 -17.19 1.12
C GLY A 442 5.66 -18.64 1.09
N TRP A 443 6.71 -18.94 1.83
CA TRP A 443 7.50 -20.13 1.59
C TRP A 443 7.28 -21.18 2.66
N ASN A 444 7.59 -22.42 2.29
CA ASN A 444 7.59 -23.54 3.22
C ASN A 444 8.90 -24.29 2.99
N GLY A 445 8.97 -25.55 3.43
CA GLY A 445 10.22 -26.29 3.33
C GLY A 445 10.64 -26.65 1.93
N THR A 446 9.81 -26.41 0.94
CA THR A 446 10.23 -26.66 -0.44
C THR A 446 11.14 -25.59 -0.97
N GLY A 447 11.26 -24.45 -0.27
CA GLY A 447 12.02 -23.35 -0.80
C GLY A 447 11.36 -22.68 -1.97
N LYS A 448 10.08 -22.97 -2.16
CA LYS A 448 9.27 -22.30 -3.16
C LYS A 448 8.07 -21.69 -2.48
N ARG A 449 7.50 -20.67 -3.11
CA ARG A 449 6.29 -20.10 -2.58
C ARG A 449 5.10 -21.00 -2.87
N ILE A 450 4.13 -20.98 -1.96
CA ILE A 450 2.87 -21.65 -2.20
C ILE A 450 2.23 -21.08 -3.46
N SER A 451 1.57 -21.94 -4.24
CA SER A 451 1.02 -21.48 -5.51
C SER A 451 -0.17 -20.56 -5.27
N ILE A 452 -0.39 -19.65 -6.23
CA ILE A 452 -1.57 -18.80 -6.17
C ILE A 452 -2.85 -19.64 -6.14
N LYS A 453 -2.88 -20.72 -6.92
CA LYS A 453 -4.07 -21.58 -6.94
C LYS A 453 -4.40 -22.11 -5.55
N ASP A 454 -3.39 -22.62 -4.83
CA ASP A 454 -3.60 -23.13 -3.47
C ASP A 454 -3.99 -22.02 -2.51
N THR A 455 -3.37 -20.84 -2.63
CA THR A 455 -3.74 -19.74 -1.76
C THR A 455 -5.17 -19.30 -2.02
N ARG A 456 -5.59 -19.24 -3.28
CA ARG A 456 -6.98 -18.86 -3.55
C ARG A 456 -7.94 -19.84 -2.91
N ALA A 457 -7.60 -21.12 -2.94
CA ALA A 457 -8.46 -22.15 -2.34
C ALA A 457 -8.53 -21.97 -0.83
N ILE A 458 -7.41 -21.59 -0.21
CA ILE A 458 -7.40 -21.28 1.22
C ILE A 458 -8.31 -20.09 1.51
N ILE A 459 -8.20 -19.04 0.70
CA ILE A 459 -9.06 -17.88 0.92
C ILE A 459 -10.52 -18.27 0.76
N ASP A 460 -10.84 -19.08 -0.25
CA ASP A 460 -12.22 -19.52 -0.42
C ASP A 460 -12.72 -20.18 0.85
N ALA A 461 -11.89 -21.04 1.44
CA ALA A 461 -12.32 -21.80 2.61
C ALA A 461 -12.50 -20.91 3.83
N ILE A 462 -11.68 -19.86 3.96
CA ILE A 462 -11.92 -18.87 5.01
C ILE A 462 -13.26 -18.18 4.80
N LEU A 463 -13.51 -17.74 3.57
CA LEU A 463 -14.65 -16.84 3.32
C LEU A 463 -15.98 -17.57 3.39
N ASN A 464 -16.02 -18.85 3.02
CA ASN A 464 -17.29 -19.58 3.04
C ASN A 464 -17.59 -20.26 4.37
N GLY A 465 -16.76 -20.06 5.39
CA GLY A 465 -16.98 -20.68 6.68
C GLY A 465 -16.43 -22.08 6.83
N SER A 466 -15.91 -22.68 5.76
CA SER A 466 -15.36 -24.03 5.85
C SER A 466 -14.33 -24.13 6.97
N LEU A 467 -13.37 -23.21 6.97
CA LEU A 467 -12.26 -23.33 7.91
C LEU A 467 -12.74 -23.22 9.35
N ASP A 468 -13.69 -22.33 9.62
CA ASP A 468 -14.26 -22.23 10.96
C ASP A 468 -14.89 -23.56 11.40
N ASN A 469 -15.37 -24.36 10.45
CA ASN A 469 -16.05 -25.62 10.75
C ASN A 469 -15.11 -26.82 10.74
N ALA A 470 -13.81 -26.59 10.68
CA ALA A 470 -12.84 -27.69 10.64
C ALA A 470 -12.32 -28.00 12.04
N GLU A 471 -11.89 -29.23 12.23
CA GLU A 471 -11.06 -29.51 13.38
C GLU A 471 -9.68 -28.91 13.14
N THR A 472 -8.95 -28.66 14.21
CA THR A 472 -7.62 -28.10 14.10
C THR A 472 -6.62 -28.87 14.94
N PHE A 473 -5.35 -28.76 14.55
CA PHE A 473 -4.22 -29.12 15.38
C PHE A 473 -3.41 -27.86 15.67
N THR A 474 -2.57 -27.93 16.70
CA THR A 474 -1.82 -26.75 17.14
C THR A 474 -0.36 -26.88 16.75
N LEU A 475 0.12 -25.87 16.06
CA LEU A 475 1.51 -25.82 15.68
C LEU A 475 2.33 -25.37 16.88
N PRO A 476 3.38 -26.10 17.25
CA PRO A 476 4.20 -25.69 18.41
C PRO A 476 4.83 -24.32 18.21
N MET A 477 5.35 -23.80 19.33
CA MET A 477 6.14 -22.58 19.35
C MET A 477 5.25 -21.36 19.14
N PHE A 478 4.57 -21.31 18.00
CA PHE A 478 3.67 -20.19 17.72
C PHE A 478 2.25 -20.44 18.19
N ASN A 479 1.91 -21.68 18.51
CA ASN A 479 0.62 -22.00 19.10
C ASN A 479 -0.54 -21.57 18.20
N LEU A 480 -0.40 -21.90 16.93
CA LEU A 480 -1.37 -21.53 15.89
C LEU A 480 -2.29 -22.71 15.59
N ALA A 481 -3.59 -22.45 15.63
CA ALA A 481 -4.60 -23.44 15.28
C ALA A 481 -4.70 -23.58 13.77
N ILE A 482 -4.35 -24.77 13.26
CA ILE A 482 -4.36 -25.06 11.82
C ILE A 482 -5.47 -26.06 11.51
N PRO A 483 -6.22 -25.90 10.42
CA PRO A 483 -7.20 -26.94 10.05
C PRO A 483 -6.54 -28.24 9.66
N THR A 484 -7.18 -29.36 10.02
CA THR A 484 -6.65 -30.67 9.66
C THR A 484 -6.80 -30.97 8.17
N GLU A 485 -7.78 -30.37 7.50
CA GLU A 485 -7.99 -30.58 6.07
C GLU A 485 -8.73 -29.37 5.54
N LEU A 486 -8.64 -29.16 4.21
CA LEU A 486 -9.38 -28.07 3.55
C LEU A 486 -9.70 -28.40 2.09
N PRO A 487 -10.94 -28.18 1.65
CA PRO A 487 -11.29 -28.46 0.25
C PRO A 487 -10.44 -27.69 -0.74
N GLY A 488 -9.81 -28.42 -1.66
CA GLY A 488 -9.07 -27.82 -2.74
C GLY A 488 -7.58 -27.66 -2.50
N VAL A 489 -7.09 -27.99 -1.30
CA VAL A 489 -5.69 -27.82 -0.95
C VAL A 489 -5.15 -29.17 -0.48
N ASP A 490 -3.93 -29.50 -0.91
CA ASP A 490 -3.28 -30.72 -0.45
C ASP A 490 -3.10 -30.66 1.06
N THR A 491 -3.61 -31.67 1.75
CA THR A 491 -3.53 -31.69 3.22
C THR A 491 -2.10 -31.63 3.71
N LYS A 492 -1.15 -32.16 2.93
CA LYS A 492 0.24 -32.22 3.38
C LYS A 492 0.77 -30.84 3.73
N ILE A 493 0.48 -29.83 2.91
CA ILE A 493 1.08 -28.51 3.12
C ILE A 493 0.46 -27.75 4.28
N LEU A 494 -0.69 -28.18 4.81
CA LEU A 494 -1.31 -27.43 5.90
C LEU A 494 -0.41 -27.41 7.14
N ASP A 495 0.38 -28.47 7.34
CA ASP A 495 1.36 -28.48 8.42
C ASP A 495 2.73 -28.17 7.83
N PRO A 496 3.33 -27.02 8.16
CA PRO A 496 4.60 -26.68 7.53
C PRO A 496 5.73 -27.64 7.84
N ARG A 497 5.62 -28.43 8.91
CA ARG A 497 6.66 -29.39 9.21
C ARG A 497 6.75 -30.50 8.18
N ASN A 498 5.66 -30.78 7.45
CA ASN A 498 5.63 -31.87 6.48
C ASN A 498 6.44 -31.56 5.22
N THR A 499 6.81 -30.30 5.00
CA THR A 499 7.54 -29.95 3.80
C THR A 499 9.05 -29.95 4.02
N TYR A 500 9.50 -30.35 5.20
CA TYR A 500 10.90 -30.60 5.48
C TYR A 500 11.10 -32.10 5.58
N ALA A 501 12.35 -32.53 5.37
CA ALA A 501 12.66 -33.94 5.55
C ALA A 501 12.39 -34.42 6.97
N SER A 502 12.25 -33.51 7.93
CA SER A 502 11.97 -33.89 9.31
C SER A 502 11.51 -32.70 10.15
N PRO A 503 10.59 -32.90 11.09
CA PRO A 503 10.23 -31.81 12.02
C PRO A 503 11.44 -31.09 12.61
N GLU A 504 12.59 -31.74 12.69
CA GLU A 504 13.77 -31.10 13.29
C GLU A 504 14.26 -29.93 12.45
N GLN A 505 14.17 -30.04 11.11
CA GLN A 505 14.59 -28.94 10.25
C GLN A 505 13.67 -27.73 10.44
N TRP A 506 12.36 -27.98 10.55
CA TRP A 506 11.42 -26.89 10.79
C TRP A 506 11.67 -26.27 12.16
N GLN A 507 11.92 -27.10 13.16
CA GLN A 507 12.12 -26.61 14.52
C GLN A 507 13.28 -25.62 14.60
N GLU A 508 14.38 -25.88 13.89
CA GLU A 508 15.52 -24.99 13.94
C GLU A 508 15.13 -23.62 13.40
N LYS A 509 14.40 -23.60 12.29
CA LYS A 509 13.96 -22.34 11.69
C LYS A 509 12.91 -21.66 12.56
N ALA A 510 12.01 -22.44 13.16
CA ALA A 510 10.99 -21.87 14.03
C ALA A 510 11.62 -21.16 15.22
N GLU A 511 12.68 -21.73 15.79
CA GLU A 511 13.33 -21.07 16.93
C GLU A 511 13.98 -19.76 16.50
N THR A 512 14.61 -19.74 15.33
CA THR A 512 15.17 -18.50 14.82
C THR A 512 14.09 -17.43 14.69
N LEU A 513 12.97 -17.80 14.08
CA LEU A 513 11.89 -16.83 13.86
C LEU A 513 11.23 -16.41 15.18
N ALA A 514 11.01 -17.36 16.10
CA ALA A 514 10.39 -16.98 17.36
C ALA A 514 11.21 -15.92 18.08
N LYS A 515 12.55 -16.09 18.12
CA LYS A 515 13.39 -15.10 18.79
C LYS A 515 13.25 -13.73 18.14
N LEU A 516 13.14 -13.68 16.82
CA LEU A 516 12.94 -12.42 16.12
C LEU A 516 11.65 -11.74 16.53
N PHE A 517 10.56 -12.50 16.62
CA PHE A 517 9.29 -11.94 17.06
C PHE A 517 9.39 -11.42 18.49
N ILE A 518 9.98 -12.24 19.38
CA ILE A 518 10.01 -11.90 20.80
C ILE A 518 10.82 -10.62 21.01
N ASP A 519 11.97 -10.54 20.38
CA ASP A 519 12.78 -9.32 20.45
C ASP A 519 12.01 -8.11 19.90
N ASN A 520 11.33 -8.28 18.77
CA ASN A 520 10.61 -7.15 18.19
C ASN A 520 9.48 -6.68 19.09
N PHE A 521 8.77 -7.61 19.74
CA PHE A 521 7.59 -7.21 20.49
C PHE A 521 7.95 -6.53 21.80
N ASP A 522 9.19 -6.66 22.25
CA ASP A 522 9.54 -6.16 23.57
C ASP A 522 9.14 -4.69 23.73
N LYS A 523 9.21 -3.89 22.66
CA LYS A 523 8.91 -2.47 22.77
C LYS A 523 7.46 -2.17 23.13
N TYR A 524 6.55 -3.12 22.93
CA TYR A 524 5.16 -2.88 23.25
C TYR A 524 4.82 -3.27 24.69
N THR A 525 5.77 -3.87 25.40
CA THR A 525 5.50 -4.42 26.74
C THR A 525 5.63 -3.37 27.84
N ASP A 526 5.70 -2.09 27.49
CA ASP A 526 5.78 -0.98 28.43
C ASP A 526 4.42 -0.56 28.97
N THR A 527 3.34 -1.15 28.48
CA THR A 527 2.00 -0.92 29.01
C THR A 527 1.47 -2.23 29.58
N PRO A 528 0.50 -2.15 30.51
CA PRO A 528 -0.15 -3.38 30.98
C PRO A 528 -0.75 -4.23 29.87
N ALA A 529 -1.47 -3.62 28.92
CA ALA A 529 -2.10 -4.41 27.86
C ALA A 529 -1.06 -5.07 26.95
N GLY A 530 -0.01 -4.35 26.60
CA GLY A 530 1.05 -4.93 25.78
C GLY A 530 1.77 -6.08 26.46
N ALA A 531 2.11 -5.93 27.74
CA ALA A 531 2.77 -7.01 28.44
C ALA A 531 1.90 -8.26 28.47
N ALA A 532 0.58 -8.07 28.54
CA ALA A 532 -0.34 -9.20 28.54
C ALA A 532 -0.37 -9.92 27.20
N LEU A 533 -0.01 -9.23 26.10
CA LEU A 533 -0.04 -9.87 24.79
C LEU A 533 1.13 -10.79 24.54
N VAL A 534 2.20 -10.68 25.35
CA VAL A 534 3.35 -11.55 25.16
C VAL A 534 2.93 -13.02 25.23
N ALA A 535 1.94 -13.33 26.07
CA ALA A 535 1.48 -14.70 26.21
C ALA A 535 0.86 -15.24 24.92
N ALA A 536 0.44 -14.36 24.01
CA ALA A 536 -0.13 -14.79 22.73
C ALA A 536 0.91 -14.96 21.64
N GLY A 537 2.13 -14.51 21.87
CA GLY A 537 3.20 -14.64 20.92
C GLY A 537 3.92 -15.96 20.99
N PRO A 538 4.93 -16.15 20.15
CA PRO A 538 5.67 -17.41 20.16
C PRO A 538 6.37 -17.54 21.50
N LYS A 539 6.55 -18.78 21.91
CA LYS A 539 7.15 -19.07 23.20
C LYS A 539 8.50 -19.73 22.96
N LEU A 540 9.52 -19.15 23.56
CA LEU A 540 10.88 -19.64 23.45
C LEU A 540 11.58 -19.28 24.75
N HIS A 541 12.08 -20.27 25.47
CA HIS A 541 12.71 -20.03 26.77
C HIS A 541 14.06 -20.74 26.87
N HIS A 542 14.71 -21.00 25.74
CA HIS A 542 16.04 -21.63 25.78
C HIS A 542 16.96 -21.07 24.69
PG ATP B . 1.36 -3.58 -2.22
O1G ATP B . 2.79 -3.14 -2.34
O2G ATP B . 0.58 -3.19 -3.43
O3G ATP B . 0.70 -3.09 -0.94
PB ATP B . 0.33 -6.31 -2.29
O1B ATP B . 0.08 -6.99 -0.98
O2B ATP B . -0.84 -5.76 -3.04
O3B ATP B . 1.48 -5.21 -2.12
PA ATP B . 0.58 -7.99 -4.62
O1A ATP B . 0.63 -6.94 -5.68
O2A ATP B . -0.70 -8.75 -4.45
O3A ATP B . 1.07 -7.38 -3.21
O5' ATP B . 1.86 -8.91 -4.87
C5' ATP B . 1.83 -10.32 -4.69
C4' ATP B . 2.96 -10.81 -5.57
O4' ATP B . 3.28 -12.12 -5.15
C3' ATP B . 2.56 -10.87 -7.03
O3' ATP B . 3.75 -10.65 -7.79
C2' ATP B . 2.06 -12.30 -7.14
O2' ATP B . 2.07 -12.77 -8.51
C1' ATP B . 3.09 -13.00 -6.28
N9 ATP B . 2.68 -14.26 -5.67
C8 ATP B . 3.36 -15.42 -5.78
N7 ATP B . 2.75 -16.38 -5.06
C5 ATP B . 1.66 -15.83 -4.47
C6 ATP B . 0.60 -16.32 -3.58
N6 ATP B . 0.60 -17.62 -3.20
N1 ATP B . -0.35 -15.46 -3.16
C2 ATP B . -0.33 -14.16 -3.57
N3 ATP B . 0.61 -13.65 -4.38
C4 ATP B . 1.63 -14.42 -4.86
MN MN C . 0.36 -0.95 -0.37
MG MG D . -1.30 -3.95 -3.96
C TRS E . 16.45 21.73 10.79
C1 TRS E . 15.76 21.40 12.11
C2 TRS E . 15.60 21.11 9.68
C3 TRS E . 17.85 21.13 10.73
N TRS E . 16.51 23.20 10.55
O1 TRS E . 16.25 22.14 13.20
O2 TRS E . 14.43 21.85 9.62
O3 TRS E . 18.70 21.88 11.58
H11 TRS E . 15.88 20.34 12.32
H12 TRS E . 14.68 21.59 12.01
H21 TRS E . 15.38 20.06 9.92
H22 TRS E . 16.13 21.15 8.72
H31 TRS E . 18.23 21.16 9.71
H32 TRS E . 17.82 20.09 11.06
HN1 TRS E . 17.07 23.70 11.23
HN2 TRS E . 15.60 23.62 10.36
HN3 TRS E . 17.01 23.29 9.68
HO1 TRS E . 16.96 22.75 12.90
HO2 TRS E . 14.46 22.57 10.29
HO3 TRS E . 19.60 21.49 11.55
S1 THJ F . 7.05 1.09 -2.81
O1 THJ F . 8.13 1.75 -2.00
O2 THJ F . 7.55 -0.09 -3.62
O3 THJ F . 6.47 2.03 -3.80
S2 THJ F . 5.58 0.42 -1.53
#